data_7CYH
#
_entry.id   7CYH
#
loop_
_entity.id
_entity.type
_entity.pdbx_description
1 polymer 'Spike glycoprotein'
2 polymer 'Light chain of HB27'
3 polymer 'Heavy chain of HB27'
#
loop_
_entity_poly.entity_id
_entity_poly.type
_entity_poly.pdbx_seq_one_letter_code
_entity_poly.pdbx_strand_id
1 'polypeptide(L)'
;NLCPFGEVFNATRFASVYAWNRKRISNCVADYSVLYNSASFSTFKCYGVSPTKLNDLCFTNVYADSFVIRGDEVRQIAPG
QTGKIADYNYKLPDDFTGCVIAWNSNNLDSKVGGNYNYLYRLFRKSNLKPFERDISTEIYQAGSTPCNGVEGFNCYFPLQ
SYGFQPTNGVGYQPYRVVVLSFELLHAPATVCGP
;
A
2 'polypeptide(L)'
;IVLTQSPTLSLSPGERATLSCRASESVDNYGISFMNWFQQKPGQAPRLLIYAASNQGSGIPSRFSGSGSGTDFSLTISSL
EPEDFAVYFCQQSKEVPRIFGQGTKVEILK
;
D
3 'polypeptide(L)'
;VKLVESGGGLVKPGGSLRLSCAASGFTFTNYGMSWVRQAPGKRLEWVAEISSGGSYTYYPDTVTGRFTISRDNAKNTLYL
QMNSLRAEDTAVYYCARFRYGGGGTVDYWGQGTLVTVSS
;
E
#
# COMPACT_ATOMS: atom_id res chain seq x y z
N ASN A 1 -32.09 -2.66 -26.66
CA ASN A 1 -31.73 -1.78 -25.55
C ASN A 1 -30.22 -1.74 -25.37
N LEU A 2 -29.80 -1.61 -24.12
CA LEU A 2 -28.38 -1.61 -23.78
C LEU A 2 -28.22 -2.19 -22.39
N CYS A 3 -27.11 -2.96 -22.18
CA CYS A 3 -26.75 -3.55 -20.89
C CYS A 3 -25.76 -2.64 -20.18
N PRO A 4 -25.99 -2.31 -18.95
CA PRO A 4 -25.29 -1.21 -18.30
C PRO A 4 -23.96 -1.60 -17.67
N PHE A 5 -23.13 -2.32 -18.42
CA PHE A 5 -21.75 -2.47 -17.98
C PHE A 5 -21.13 -1.12 -17.70
N GLY A 6 -21.38 -0.16 -18.58
CA GLY A 6 -20.84 1.18 -18.37
C GLY A 6 -21.17 1.73 -17.01
N GLU A 7 -22.26 1.29 -16.41
CA GLU A 7 -22.51 1.60 -15.01
C GLU A 7 -22.13 0.47 -14.07
N VAL A 8 -21.66 -0.65 -14.58
CA VAL A 8 -21.14 -1.67 -13.66
C VAL A 8 -19.66 -1.38 -13.45
N PHE A 9 -18.88 -1.51 -14.52
CA PHE A 9 -17.45 -1.29 -14.39
C PHE A 9 -17.15 0.14 -14.05
N ASN A 10 -17.68 1.07 -14.81
CA ASN A 10 -17.22 2.44 -14.69
C ASN A 10 -17.86 3.18 -13.52
N ALA A 11 -18.63 2.49 -12.69
CA ALA A 11 -19.25 3.12 -11.53
C ALA A 11 -18.17 3.54 -10.52
N THR A 12 -18.56 4.45 -9.62
CA THR A 12 -17.58 5.15 -8.80
C THR A 12 -17.12 4.29 -7.63
N ARG A 13 -17.97 4.14 -6.62
CA ARG A 13 -17.61 3.35 -5.45
C ARG A 13 -17.94 1.89 -5.73
N PHE A 14 -16.98 1.02 -5.51
CA PHE A 14 -17.26 -0.40 -5.43
C PHE A 14 -17.47 -0.81 -4.00
N ALA A 15 -18.51 -1.59 -3.79
CA ALA A 15 -18.79 -2.15 -2.48
C ALA A 15 -17.56 -2.89 -1.98
N SER A 16 -17.39 -2.92 -0.68
CA SER A 16 -16.41 -3.83 -0.14
C SER A 16 -16.94 -5.23 -0.30
N VAL A 17 -16.12 -6.20 0.07
CA VAL A 17 -16.43 -7.56 -0.35
C VAL A 17 -17.55 -8.18 0.47
N TYR A 18 -17.48 -8.07 1.81
CA TYR A 18 -18.38 -8.84 2.67
C TYR A 18 -19.84 -8.55 2.37
N ALA A 19 -20.15 -7.34 1.94
CA ALA A 19 -21.41 -7.08 1.26
C ALA A 19 -21.06 -6.86 -0.20
N TRP A 20 -21.31 -7.87 -1.02
CA TRP A 20 -21.03 -7.80 -2.44
C TRP A 20 -22.27 -7.42 -3.19
N ASN A 21 -22.16 -6.42 -4.06
CA ASN A 21 -23.31 -6.04 -4.86
C ASN A 21 -23.80 -7.25 -5.60
N ARG A 22 -25.07 -7.26 -5.94
CA ARG A 22 -25.50 -8.15 -7.01
C ARG A 22 -26.38 -7.33 -7.92
N LYS A 23 -25.92 -7.09 -9.11
CA LYS A 23 -26.70 -6.33 -10.06
C LYS A 23 -27.13 -7.27 -11.16
N ARG A 24 -28.40 -7.63 -11.18
CA ARG A 24 -28.90 -8.33 -12.35
C ARG A 24 -28.77 -7.44 -13.57
N ILE A 25 -28.79 -8.08 -14.74
CA ILE A 25 -28.86 -7.38 -16.02
C ILE A 25 -29.85 -8.15 -16.87
N SER A 26 -30.69 -7.44 -17.61
CA SER A 26 -31.64 -8.15 -18.45
C SER A 26 -32.17 -7.24 -19.54
N ASN A 27 -32.81 -7.88 -20.54
CA ASN A 27 -33.53 -7.20 -21.59
C ASN A 27 -32.64 -6.22 -22.34
N CYS A 28 -31.49 -6.69 -22.80
CA CYS A 28 -30.57 -5.79 -23.46
C CYS A 28 -29.61 -6.59 -24.33
N VAL A 29 -28.96 -5.87 -25.23
CA VAL A 29 -27.83 -6.40 -25.96
C VAL A 29 -26.62 -6.32 -25.05
N ALA A 30 -26.03 -7.47 -24.74
CA ALA A 30 -24.81 -7.52 -23.94
C ALA A 30 -23.67 -7.83 -24.88
N ASP A 31 -22.84 -6.85 -25.14
CA ASP A 31 -21.86 -6.94 -26.22
C ASP A 31 -20.49 -7.06 -25.57
N TYR A 32 -19.90 -8.24 -25.63
CA TYR A 32 -18.66 -8.45 -24.93
C TYR A 32 -17.46 -7.95 -25.70
N SER A 33 -17.64 -7.49 -26.92
CA SER A 33 -16.50 -7.04 -27.70
C SER A 33 -15.92 -5.77 -27.12
N VAL A 34 -16.74 -4.96 -26.46
CA VAL A 34 -16.25 -3.69 -25.92
C VAL A 34 -15.61 -3.86 -24.56
N LEU A 35 -15.83 -4.99 -23.89
CA LEU A 35 -15.18 -5.24 -22.61
C LEU A 35 -13.82 -5.86 -22.81
N TYR A 36 -13.87 -7.14 -23.17
CA TYR A 36 -12.67 -7.94 -23.30
C TYR A 36 -11.62 -7.23 -24.12
N ASN A 37 -12.03 -6.55 -25.17
CA ASN A 37 -11.07 -5.96 -26.07
C ASN A 37 -10.59 -4.60 -25.58
N SER A 38 -11.05 -4.14 -24.42
CA SER A 38 -10.45 -2.92 -23.90
C SER A 38 -9.01 -3.14 -23.46
N ALA A 39 -8.67 -4.38 -23.10
CA ALA A 39 -7.30 -4.81 -22.85
C ALA A 39 -6.61 -3.99 -21.77
N SER A 40 -7.35 -3.30 -20.93
CA SER A 40 -6.81 -2.63 -19.77
C SER A 40 -6.93 -3.47 -18.52
N PHE A 41 -7.40 -4.71 -18.64
CA PHE A 41 -7.74 -5.53 -17.51
C PHE A 41 -6.53 -6.39 -17.18
N SER A 42 -5.87 -6.07 -16.08
CA SER A 42 -4.59 -6.70 -15.80
C SER A 42 -4.72 -8.17 -15.45
N THR A 43 -5.94 -8.68 -15.37
CA THR A 43 -6.18 -10.10 -15.34
C THR A 43 -7.44 -10.35 -16.13
N PHE A 44 -7.90 -11.59 -16.09
CA PHE A 44 -9.13 -11.99 -16.73
C PHE A 44 -9.19 -13.49 -16.55
N LYS A 45 -10.36 -14.07 -16.77
CA LYS A 45 -10.50 -15.51 -17.04
C LYS A 45 -11.85 -15.68 -17.69
N CYS A 46 -12.16 -16.91 -18.07
CA CYS A 46 -13.53 -17.35 -18.26
C CYS A 46 -13.50 -18.86 -18.06
N TYR A 47 -14.62 -19.43 -17.64
CA TYR A 47 -14.60 -20.79 -17.10
C TYR A 47 -15.50 -21.74 -17.87
N GLY A 48 -16.80 -21.69 -17.71
CA GLY A 48 -17.57 -22.56 -18.57
C GLY A 48 -17.74 -22.05 -19.98
N VAL A 49 -17.11 -20.92 -20.31
CA VAL A 49 -17.13 -20.33 -21.63
C VAL A 49 -15.76 -19.75 -21.88
N SER A 50 -15.42 -19.55 -23.15
CA SER A 50 -14.14 -18.98 -23.55
C SER A 50 -14.34 -17.63 -24.24
N PRO A 51 -13.77 -16.57 -23.71
CA PRO A 51 -14.36 -15.23 -23.82
C PRO A 51 -14.70 -14.77 -25.23
N THR A 52 -14.04 -15.32 -26.23
CA THR A 52 -14.33 -14.86 -27.58
C THR A 52 -15.65 -15.39 -28.08
N LYS A 53 -16.04 -16.59 -27.65
CA LYS A 53 -17.24 -17.21 -28.20
C LYS A 53 -18.50 -16.48 -27.78
N LEU A 54 -18.42 -15.65 -26.73
CA LEU A 54 -19.62 -15.19 -26.04
C LEU A 54 -20.53 -14.36 -26.93
N ASN A 55 -19.96 -13.57 -27.83
CA ASN A 55 -20.74 -12.61 -28.59
C ASN A 55 -21.96 -13.24 -29.23
N ASP A 56 -21.88 -14.53 -29.54
CA ASP A 56 -22.97 -15.22 -30.21
C ASP A 56 -23.92 -15.91 -29.25
N LEU A 57 -23.74 -15.73 -27.95
CA LEU A 57 -24.35 -16.63 -27.00
C LEU A 57 -25.48 -15.90 -26.26
N CYS A 58 -26.46 -16.67 -25.78
CA CYS A 58 -27.68 -16.10 -25.22
C CYS A 58 -27.92 -16.62 -23.81
N PHE A 59 -27.82 -15.73 -22.83
CA PHE A 59 -27.91 -16.05 -21.42
C PHE A 59 -29.33 -15.80 -20.93
N THR A 60 -29.54 -15.94 -19.62
CA THR A 60 -30.67 -15.29 -18.97
C THR A 60 -30.19 -14.56 -17.72
N ASN A 61 -29.84 -15.32 -16.69
CA ASN A 61 -29.24 -14.72 -15.50
C ASN A 61 -27.93 -14.08 -15.89
N VAL A 62 -27.76 -12.81 -15.61
CA VAL A 62 -26.45 -12.20 -15.74
C VAL A 62 -26.26 -11.37 -14.50
N TYR A 63 -25.34 -11.75 -13.65
CA TYR A 63 -25.19 -11.06 -12.38
C TYR A 63 -23.76 -10.61 -12.22
N ALA A 64 -23.58 -9.30 -12.26
CA ALA A 64 -22.27 -8.71 -12.09
C ALA A 64 -22.09 -8.41 -10.62
N ASP A 65 -21.23 -9.17 -9.95
CA ASP A 65 -21.14 -9.07 -8.51
C ASP A 65 -19.86 -8.34 -8.21
N SER A 66 -19.91 -7.04 -8.09
CA SER A 66 -18.66 -6.32 -8.02
C SER A 66 -18.11 -6.36 -6.62
N PHE A 67 -16.79 -6.20 -6.51
CA PHE A 67 -16.23 -5.91 -5.22
C PHE A 67 -14.73 -5.73 -5.30
N VAL A 68 -14.18 -5.09 -4.27
CA VAL A 68 -12.76 -4.79 -4.18
C VAL A 68 -12.11 -5.84 -3.32
N ILE A 69 -10.97 -6.35 -3.76
CA ILE A 69 -10.22 -7.28 -2.95
C ILE A 69 -8.74 -6.92 -3.03
N ARG A 70 -7.96 -7.65 -2.26
CA ARG A 70 -6.55 -7.36 -2.10
C ARG A 70 -5.75 -8.13 -3.13
N GLY A 71 -4.75 -7.47 -3.72
CA GLY A 71 -4.19 -7.94 -4.98
C GLY A 71 -3.86 -9.42 -4.97
N ASP A 72 -3.24 -9.91 -3.91
CA ASP A 72 -2.85 -11.31 -3.92
C ASP A 72 -4.04 -12.24 -3.87
N GLU A 73 -5.22 -11.75 -3.55
CA GLU A 73 -6.34 -12.65 -3.28
C GLU A 73 -7.21 -12.95 -4.48
N VAL A 74 -7.02 -12.26 -5.61
CA VAL A 74 -7.75 -12.66 -6.80
C VAL A 74 -7.54 -14.13 -7.05
N ARG A 75 -6.31 -14.60 -6.84
CA ARG A 75 -6.04 -16.02 -6.90
C ARG A 75 -7.09 -16.82 -6.14
N GLN A 76 -7.50 -16.32 -4.98
CA GLN A 76 -8.47 -17.06 -4.18
C GLN A 76 -9.86 -17.04 -4.78
N ILE A 77 -10.18 -16.06 -5.60
CA ILE A 77 -11.51 -15.99 -6.17
C ILE A 77 -11.47 -16.74 -7.49
N ALA A 78 -12.13 -17.86 -7.51
CA ALA A 78 -12.15 -18.82 -8.60
C ALA A 78 -12.94 -19.99 -8.04
N PRO A 79 -13.20 -21.02 -8.81
CA PRO A 79 -13.57 -22.29 -8.18
C PRO A 79 -12.33 -22.91 -7.57
N GLY A 80 -12.58 -23.81 -6.61
CA GLY A 80 -11.53 -24.65 -6.05
C GLY A 80 -10.56 -23.96 -5.12
N GLN A 81 -10.68 -22.67 -4.90
CA GLN A 81 -9.76 -21.95 -4.03
C GLN A 81 -10.39 -21.73 -2.67
N THR A 82 -9.64 -22.03 -1.62
CA THR A 82 -10.04 -21.75 -0.25
C THR A 82 -9.04 -20.81 0.40
N GLY A 83 -9.51 -20.12 1.42
CA GLY A 83 -8.73 -19.08 2.06
C GLY A 83 -9.67 -18.03 2.61
N LYS A 84 -9.07 -16.98 3.15
CA LYS A 84 -9.87 -16.03 3.92
C LYS A 84 -11.02 -15.47 3.10
N ILE A 85 -10.85 -15.33 1.79
CA ILE A 85 -11.92 -14.74 0.99
C ILE A 85 -12.96 -15.78 0.66
N ALA A 86 -12.64 -16.70 -0.25
CA ALA A 86 -13.67 -17.60 -0.75
C ALA A 86 -14.37 -18.34 0.37
N ASP A 87 -13.71 -18.50 1.52
CA ASP A 87 -14.30 -19.21 2.64
C ASP A 87 -15.23 -18.32 3.45
N TYR A 88 -14.81 -17.09 3.72
CA TYR A 88 -15.54 -16.26 4.66
C TYR A 88 -16.49 -15.26 4.00
N ASN A 89 -15.94 -14.22 3.39
CA ASN A 89 -16.80 -13.12 2.98
C ASN A 89 -17.52 -13.36 1.65
N TYR A 90 -16.85 -13.92 0.64
CA TYR A 90 -17.52 -14.14 -0.66
C TYR A 90 -17.20 -15.50 -1.25
N LYS A 91 -18.23 -16.30 -1.43
CA LYS A 91 -18.07 -17.63 -2.00
C LYS A 91 -18.07 -17.59 -3.52
N LEU A 92 -17.50 -18.65 -4.11
CA LEU A 92 -17.83 -19.10 -5.45
C LEU A 92 -18.09 -20.59 -5.45
N PRO A 93 -19.08 -21.07 -6.19
CA PRO A 93 -19.22 -22.51 -6.38
C PRO A 93 -18.01 -23.04 -7.13
N ASP A 94 -17.92 -24.34 -7.26
CA ASP A 94 -16.91 -24.83 -8.19
C ASP A 94 -17.41 -24.94 -9.63
N ASP A 95 -18.62 -25.47 -9.85
CA ASP A 95 -19.16 -25.68 -11.19
C ASP A 95 -19.54 -24.37 -11.87
N PHE A 96 -19.32 -23.27 -11.18
CA PHE A 96 -19.69 -21.93 -11.61
C PHE A 96 -19.20 -21.59 -13.00
N THR A 97 -20.04 -20.84 -13.74
CA THR A 97 -19.89 -20.58 -15.17
C THR A 97 -19.80 -19.09 -15.45
N GLY A 98 -18.63 -18.57 -15.76
CA GLY A 98 -18.57 -17.19 -16.17
C GLY A 98 -17.27 -16.56 -15.74
N CYS A 99 -17.08 -15.33 -16.15
CA CYS A 99 -15.73 -14.83 -16.20
C CYS A 99 -15.35 -14.17 -14.89
N VAL A 100 -14.08 -13.79 -14.76
CA VAL A 100 -13.57 -13.15 -13.56
C VAL A 100 -12.57 -12.10 -13.98
N ILE A 101 -12.75 -10.87 -13.54
CA ILE A 101 -12.09 -9.75 -14.15
C ILE A 101 -11.43 -8.89 -13.08
N ALA A 102 -10.23 -8.39 -13.33
CA ALA A 102 -9.71 -7.41 -12.38
C ALA A 102 -8.71 -6.49 -13.04
N TRP A 103 -8.69 -5.26 -12.58
CA TRP A 103 -7.73 -4.26 -13.02
C TRP A 103 -7.44 -3.37 -11.82
N ASN A 104 -6.17 -3.11 -11.53
CA ASN A 104 -5.87 -2.42 -10.29
C ASN A 104 -6.56 -1.07 -10.25
N SER A 105 -6.93 -0.67 -9.05
CA SER A 105 -7.59 0.60 -8.83
C SER A 105 -6.66 1.67 -8.33
N ASN A 106 -5.39 1.35 -8.13
CA ASN A 106 -4.60 2.03 -7.11
C ASN A 106 -4.50 3.53 -7.31
N ASN A 107 -4.87 4.07 -8.47
CA ASN A 107 -5.07 5.51 -8.51
C ASN A 107 -6.19 5.93 -7.58
N LEU A 108 -7.33 5.26 -7.66
CA LEU A 108 -8.55 5.79 -7.05
C LEU A 108 -8.80 5.19 -5.67
N ASP A 109 -9.05 3.89 -5.60
CA ASP A 109 -9.62 3.28 -4.41
C ASP A 109 -8.72 3.36 -3.19
N SER A 110 -7.49 3.83 -3.30
CA SER A 110 -6.63 3.98 -2.14
C SER A 110 -6.34 5.45 -1.88
N LYS A 111 -6.29 5.80 -0.60
CA LYS A 111 -5.79 7.09 -0.16
C LYS A 111 -4.53 6.87 0.65
N VAL A 112 -3.65 7.88 0.67
CA VAL A 112 -2.46 7.82 1.51
C VAL A 112 -2.83 7.46 2.93
N GLY A 113 -4.00 7.88 3.38
CA GLY A 113 -4.52 7.45 4.65
C GLY A 113 -5.19 6.09 4.60
N GLY A 114 -4.99 5.35 3.51
CA GLY A 114 -5.39 3.95 3.52
C GLY A 114 -6.89 3.71 3.58
N ASN A 115 -7.63 4.19 2.59
CA ASN A 115 -9.07 4.38 2.74
C ASN A 115 -9.72 3.14 3.33
N TYR A 116 -10.45 3.34 4.43
CA TYR A 116 -10.95 2.25 5.25
C TYR A 116 -12.42 1.94 5.00
N ASN A 117 -13.08 2.66 4.11
CA ASN A 117 -14.40 2.22 3.69
C ASN A 117 -14.34 0.77 3.25
N TYR A 118 -13.22 0.38 2.67
CA TYR A 118 -13.00 -0.97 2.17
C TYR A 118 -12.63 -1.89 3.32
N LEU A 119 -13.44 -2.91 3.52
CA LEU A 119 -13.38 -3.68 4.74
C LEU A 119 -14.02 -5.03 4.46
N TYR A 120 -13.66 -6.02 5.27
CA TYR A 120 -14.14 -7.36 5.00
C TYR A 120 -14.30 -8.11 6.29
N ARG A 121 -14.71 -9.37 6.18
CA ARG A 121 -15.01 -10.20 7.33
C ARG A 121 -13.78 -11.05 7.61
N LEU A 122 -13.33 -11.04 8.85
CA LEU A 122 -12.22 -11.91 9.19
C LEU A 122 -12.69 -13.17 9.90
N PHE A 123 -13.26 -13.00 11.08
CA PHE A 123 -13.75 -14.14 11.85
C PHE A 123 -15.24 -14.33 11.61
N ARG A 124 -15.58 -15.44 10.97
CA ARG A 124 -16.94 -15.91 10.89
C ARG A 124 -16.97 -17.32 11.46
N LYS A 125 -18.12 -17.70 11.97
CA LYS A 125 -18.27 -18.95 12.69
C LYS A 125 -18.56 -20.13 11.78
N SER A 126 -18.54 -19.93 10.47
CA SER A 126 -18.66 -21.01 9.51
C SER A 126 -18.01 -20.55 8.21
N ASN A 127 -18.15 -21.35 7.16
CA ASN A 127 -17.57 -21.05 5.87
C ASN A 127 -18.67 -21.11 4.81
N LEU A 128 -18.79 -20.03 4.03
CA LEU A 128 -20.05 -19.73 3.37
C LEU A 128 -20.55 -20.86 2.50
N LYS A 129 -21.87 -20.92 2.37
CA LYS A 129 -22.49 -21.57 1.25
C LYS A 129 -22.17 -20.80 -0.03
N PRO A 130 -22.37 -21.40 -1.19
CA PRO A 130 -22.21 -20.64 -2.43
C PRO A 130 -23.07 -19.38 -2.44
N PHE A 131 -22.42 -18.25 -2.69
CA PHE A 131 -23.08 -16.96 -2.92
C PHE A 131 -23.88 -16.44 -1.72
N GLU A 132 -23.44 -16.71 -0.50
CA GLU A 132 -24.18 -16.23 0.66
C GLU A 132 -23.61 -14.89 1.13
N ARG A 133 -24.38 -13.83 0.97
CA ARG A 133 -23.99 -12.55 1.55
C ARG A 133 -24.12 -12.64 3.07
N ASP A 134 -23.09 -12.22 3.78
CA ASP A 134 -23.13 -12.18 5.24
C ASP A 134 -22.92 -10.75 5.70
N ILE A 135 -23.99 -10.10 6.17
CA ILE A 135 -23.92 -8.71 6.57
C ILE A 135 -23.83 -8.50 8.08
N SER A 136 -23.90 -9.56 8.88
CA SER A 136 -24.07 -9.42 10.32
C SER A 136 -22.74 -9.15 11.00
N THR A 137 -22.67 -8.05 11.76
CA THR A 137 -21.46 -7.68 12.50
C THR A 137 -21.49 -8.14 13.95
N GLU A 138 -22.51 -8.89 14.35
CA GLU A 138 -22.69 -9.29 15.74
C GLU A 138 -21.42 -9.93 16.29
N ILE A 139 -20.99 -9.44 17.46
CA ILE A 139 -19.63 -9.66 17.94
C ILE A 139 -19.33 -11.14 18.07
N TYR A 140 -18.07 -11.49 17.89
CA TYR A 140 -17.63 -12.88 17.93
C TYR A 140 -17.12 -13.25 19.31
N GLN A 141 -17.45 -14.46 19.76
CA GLN A 141 -17.01 -15.01 21.04
C GLN A 141 -16.09 -16.20 20.77
N ALA A 142 -14.79 -15.99 20.97
CA ALA A 142 -13.83 -17.05 20.61
C ALA A 142 -13.93 -18.23 21.56
N GLY A 143 -13.78 -17.98 22.85
CA GLY A 143 -13.93 -19.00 23.88
C GLY A 143 -15.33 -18.99 24.44
N SER A 144 -15.44 -19.31 25.73
CA SER A 144 -16.70 -19.23 26.43
C SER A 144 -16.91 -17.86 27.08
N THR A 145 -16.00 -16.92 26.85
CA THR A 145 -16.05 -15.62 27.51
C THR A 145 -17.18 -14.77 26.94
N PRO A 146 -18.22 -14.46 27.70
CA PRO A 146 -19.37 -13.76 27.13
C PRO A 146 -18.96 -12.38 26.63
N CYS A 147 -19.31 -12.09 25.38
CA CYS A 147 -18.98 -10.79 24.84
C CYS A 147 -20.00 -9.75 25.26
N ASN A 148 -21.29 -10.09 25.19
CA ASN A 148 -22.37 -9.24 25.65
C ASN A 148 -22.30 -7.85 25.04
N GLY A 149 -22.23 -7.81 23.72
CA GLY A 149 -22.40 -6.56 23.01
C GLY A 149 -21.27 -5.57 23.17
N VAL A 150 -20.08 -6.03 23.56
CA VAL A 150 -18.89 -5.18 23.57
C VAL A 150 -17.71 -5.97 23.02
N GLU A 151 -16.68 -5.23 22.63
CA GLU A 151 -15.39 -5.85 22.37
C GLU A 151 -14.95 -6.61 23.61
N GLY A 152 -14.23 -7.71 23.42
CA GLY A 152 -13.80 -8.47 24.56
C GLY A 152 -12.49 -9.20 24.33
N PHE A 153 -11.85 -9.54 25.44
CA PHE A 153 -10.69 -10.41 25.43
C PHE A 153 -11.16 -11.81 25.06
N ASN A 154 -10.60 -12.37 23.99
CA ASN A 154 -11.12 -13.57 23.35
C ASN A 154 -12.54 -13.37 22.85
N CYS A 155 -12.89 -12.12 22.58
CA CYS A 155 -14.03 -11.76 21.75
C CYS A 155 -13.51 -11.03 20.52
N TYR A 156 -14.31 -11.03 19.46
CA TYR A 156 -13.84 -10.40 18.25
C TYR A 156 -14.96 -9.63 17.55
N PHE A 157 -14.63 -8.41 17.16
CA PHE A 157 -15.40 -7.62 16.24
C PHE A 157 -15.05 -8.15 14.87
N PRO A 158 -15.97 -8.84 14.20
CA PRO A 158 -15.56 -9.80 13.16
C PRO A 158 -14.98 -9.14 11.92
N LEU A 159 -15.34 -7.90 11.65
CA LEU A 159 -14.84 -7.21 10.49
C LEU A 159 -13.38 -6.79 10.67
N GLN A 160 -12.75 -6.51 9.55
CA GLN A 160 -11.39 -5.99 9.50
C GLN A 160 -11.28 -5.15 8.25
N SER A 161 -10.57 -4.02 8.34
CA SER A 161 -10.39 -3.16 7.19
C SER A 161 -8.99 -3.29 6.65
N TYR A 162 -8.88 -3.44 5.34
CA TYR A 162 -7.58 -3.33 4.73
C TYR A 162 -7.09 -1.91 4.88
N GLY A 163 -5.86 -1.76 5.37
CA GLY A 163 -5.12 -0.55 5.06
C GLY A 163 -4.68 -0.61 3.62
N PHE A 164 -5.04 0.39 2.83
CA PHE A 164 -4.52 0.48 1.48
C PHE A 164 -3.64 1.72 1.33
N GLN A 165 -2.40 1.53 1.34
CA GLN A 165 -1.83 2.76 0.82
C GLN A 165 -1.92 2.76 -0.69
N PRO A 166 -1.75 3.89 -1.32
CA PRO A 166 -1.50 3.88 -2.76
C PRO A 166 -0.13 3.34 -3.04
N THR A 167 0.73 3.36 -2.02
CA THR A 167 2.11 2.95 -2.19
C THR A 167 2.36 1.48 -1.89
N ASN A 168 1.31 0.70 -1.68
CA ASN A 168 1.49 -0.71 -1.39
C ASN A 168 2.18 -1.40 -2.55
N GLY A 169 2.79 -2.53 -2.28
CA GLY A 169 3.22 -3.39 -3.35
C GLY A 169 2.03 -3.92 -4.12
N VAL A 170 2.34 -4.60 -5.23
CA VAL A 170 1.28 -5.12 -6.08
C VAL A 170 0.33 -6.01 -5.30
N GLY A 171 0.84 -6.66 -4.26
CA GLY A 171 0.00 -7.52 -3.46
C GLY A 171 -1.12 -6.77 -2.78
N TYR A 172 -0.80 -5.68 -2.09
CA TYR A 172 -1.80 -5.00 -1.27
C TYR A 172 -2.40 -3.75 -1.93
N GLN A 173 -2.04 -3.44 -3.16
CA GLN A 173 -2.86 -2.49 -3.91
C GLN A 173 -4.22 -3.15 -4.10
N PRO A 174 -5.31 -2.44 -3.85
CA PRO A 174 -6.63 -3.07 -4.00
C PRO A 174 -6.94 -3.29 -5.46
N TYR A 175 -7.39 -4.48 -5.80
CA TYR A 175 -7.92 -4.73 -7.12
C TYR A 175 -9.42 -4.57 -7.09
N ARG A 176 -9.97 -3.78 -8.00
CA ARG A 176 -11.38 -3.94 -8.28
C ARG A 176 -11.55 -5.30 -8.93
N VAL A 177 -12.46 -6.10 -8.41
CA VAL A 177 -12.71 -7.41 -8.98
C VAL A 177 -14.18 -7.55 -9.24
N VAL A 178 -14.58 -7.56 -10.48
CA VAL A 178 -15.94 -7.89 -10.83
C VAL A 178 -15.98 -9.40 -10.85
N VAL A 179 -17.13 -9.96 -11.11
CA VAL A 179 -17.28 -11.37 -11.43
C VAL A 179 -18.40 -11.29 -12.43
N LEU A 180 -18.83 -12.41 -12.99
CA LEU A 180 -20.11 -12.46 -13.68
C LEU A 180 -20.68 -13.84 -13.42
N SER A 181 -21.74 -14.18 -14.15
CA SER A 181 -22.36 -15.49 -14.03
C SER A 181 -23.53 -15.54 -14.99
N PHE A 182 -23.97 -16.76 -15.31
CA PHE A 182 -25.07 -16.89 -16.25
C PHE A 182 -25.53 -18.34 -16.41
N GLU A 183 -26.74 -18.45 -16.96
CA GLU A 183 -27.48 -19.71 -17.12
C GLU A 183 -27.12 -20.51 -18.36
N LEU A 184 -26.76 -19.85 -19.46
CA LEU A 184 -26.66 -20.49 -20.77
C LEU A 184 -28.04 -21.00 -21.16
N LEU A 185 -28.26 -22.30 -21.32
CA LEU A 185 -29.37 -22.81 -22.12
C LEU A 185 -30.65 -22.98 -21.30
N HIS A 186 -31.74 -23.30 -22.03
CA HIS A 186 -33.02 -23.84 -21.57
C HIS A 186 -33.99 -22.84 -20.94
N ALA A 187 -33.65 -21.56 -20.85
CA ALA A 187 -34.61 -20.57 -20.39
C ALA A 187 -34.71 -19.44 -21.39
N PRO A 188 -35.86 -18.77 -21.46
CA PRO A 188 -36.01 -17.67 -22.42
C PRO A 188 -35.05 -16.53 -22.11
N ALA A 189 -34.36 -16.07 -23.15
CA ALA A 189 -33.23 -15.18 -22.98
C ALA A 189 -33.67 -13.73 -23.12
N THR A 190 -33.57 -12.98 -22.02
CA THR A 190 -33.62 -11.52 -22.18
C THR A 190 -32.28 -11.01 -22.67
N VAL A 191 -31.20 -11.63 -22.22
CA VAL A 191 -29.87 -11.20 -22.62
C VAL A 191 -29.55 -11.75 -24.00
N CYS A 192 -28.64 -11.08 -24.69
CA CYS A 192 -28.30 -11.46 -26.06
C CYS A 192 -26.87 -11.03 -26.35
N GLY A 193 -26.41 -11.34 -27.54
CA GLY A 193 -25.19 -10.79 -28.07
C GLY A 193 -25.52 -9.81 -29.17
N PRO A 194 -24.62 -9.61 -30.11
CA PRO A 194 -25.13 -8.96 -31.31
C PRO A 194 -25.40 -9.96 -32.44
N ILE B 1 0.83 16.63 10.55
CA ILE B 1 1.60 17.17 9.44
C ILE B 1 2.97 17.67 9.89
N VAL B 2 3.09 18.10 11.14
CA VAL B 2 4.35 18.57 11.68
C VAL B 2 4.77 17.63 12.80
N LEU B 3 5.76 16.78 12.53
CA LEU B 3 6.42 16.02 13.58
C LEU B 3 7.60 16.83 14.15
N THR B 4 7.99 16.48 15.38
CA THR B 4 9.15 17.10 16.01
C THR B 4 9.82 16.06 16.93
N GLN B 5 11.12 16.23 17.14
CA GLN B 5 11.88 15.45 18.11
C GLN B 5 12.54 16.36 19.13
N SER B 6 12.98 15.75 20.23
CA SER B 6 13.73 16.42 21.29
C SER B 6 14.96 17.09 20.71
N PRO B 7 15.40 18.23 21.26
CA PRO B 7 16.60 18.90 20.71
C PRO B 7 17.85 18.06 20.79
N THR B 8 18.16 17.52 21.98
CA THR B 8 19.33 16.67 22.19
C THR B 8 19.05 15.73 23.35
N LEU B 9 19.63 14.54 23.31
CA LEU B 9 19.85 13.74 24.51
C LEU B 9 21.11 12.90 24.30
N SER B 10 21.91 12.78 25.37
CA SER B 10 23.14 12.00 25.37
C SER B 10 23.12 11.02 26.53
N LEU B 11 23.63 9.82 26.30
CA LEU B 11 23.29 8.68 27.15
C LEU B 11 24.56 7.86 27.42
N SER B 12 24.38 6.69 28.01
CA SER B 12 25.50 5.83 28.39
C SER B 12 25.06 4.38 28.26
N PRO B 13 26.01 3.44 28.15
CA PRO B 13 25.64 2.02 28.06
C PRO B 13 24.79 1.57 29.23
N GLY B 14 23.96 0.56 28.99
CA GLY B 14 23.05 0.06 29.98
C GLY B 14 21.78 0.88 30.14
N GLU B 15 21.76 2.10 29.62
CA GLU B 15 20.64 3.01 29.83
C GLU B 15 19.51 2.72 28.85
N ARG B 16 18.30 3.05 29.27
CA ARG B 16 17.11 2.78 28.48
C ARG B 16 16.62 4.04 27.81
N ALA B 17 16.81 4.11 26.50
CA ALA B 17 16.59 5.32 25.72
C ALA B 17 15.12 5.48 25.39
N THR B 18 14.60 6.68 25.65
CA THR B 18 13.30 7.09 25.15
C THR B 18 13.43 8.52 24.63
N LEU B 19 13.21 8.70 23.33
CA LEU B 19 13.21 10.00 22.72
C LEU B 19 11.79 10.43 22.41
N SER B 20 11.55 11.73 22.50
CA SER B 20 10.23 12.28 22.31
C SER B 20 10.03 12.63 20.85
N CYS B 21 9.15 11.89 20.19
CA CYS B 21 8.73 12.21 18.83
C CYS B 21 7.47 13.05 18.98
N ARG B 22 7.57 14.33 18.64
CA ARG B 22 6.51 15.28 18.94
C ARG B 22 5.69 15.53 17.68
N ALA B 23 4.46 15.05 17.67
CA ALA B 23 3.61 15.11 16.50
C ALA B 23 2.56 16.20 16.67
N SER B 24 2.60 17.20 15.80
CA SER B 24 1.51 18.15 15.75
C SER B 24 0.26 17.49 15.16
N GLU B 25 -0.79 18.29 15.05
CA GLU B 25 -2.07 17.85 14.50
C GLU B 25 -2.55 16.56 15.18
N SER B 26 -3.05 15.63 14.39
CA SER B 26 -3.73 14.45 14.92
C SER B 26 -2.75 13.54 15.63
N VAL B 27 -3.31 12.69 16.50
CA VAL B 27 -2.56 11.65 17.17
C VAL B 27 -2.66 10.39 16.32
N ASP B 28 -1.52 9.96 15.75
CA ASP B 28 -1.49 8.81 14.85
C ASP B 28 -2.45 9.04 13.69
N ASN B 29 -3.52 8.24 13.65
CA ASN B 29 -4.58 8.35 12.66
C ASN B 29 -5.66 7.33 13.00
N TYR B 30 -6.78 7.45 12.30
CA TYR B 30 -7.83 6.45 12.40
C TYR B 30 -7.32 5.06 12.06
N GLY B 31 -6.20 4.97 11.35
CA GLY B 31 -5.59 3.68 11.09
C GLY B 31 -5.08 2.97 12.31
N ILE B 32 -5.13 3.62 13.47
CA ILE B 32 -4.87 3.04 14.78
C ILE B 32 -3.37 2.83 14.97
N SER B 33 -2.61 2.77 13.88
CA SER B 33 -1.17 2.60 14.00
C SER B 33 -0.46 3.27 12.83
N PHE B 34 0.57 4.05 13.14
CA PHE B 34 1.44 4.66 12.12
C PHE B 34 2.79 5.03 12.74
N MET B 35 3.52 5.87 12.03
CA MET B 35 4.92 6.29 12.17
C MET B 35 5.86 5.10 12.05
N ASN B 36 7.03 5.16 12.66
CA ASN B 36 8.21 4.42 12.22
C ASN B 36 9.41 4.83 13.06
N TRP B 37 10.53 4.16 12.85
CA TRP B 37 11.79 4.57 13.46
C TRP B 37 12.96 4.21 12.55
N PHE B 38 13.96 5.09 12.52
CA PHE B 38 15.12 4.91 11.65
C PHE B 38 16.39 5.35 12.34
N GLN B 39 17.51 4.81 11.86
CA GLN B 39 18.82 5.03 12.46
C GLN B 39 19.86 5.30 11.38
N GLN B 40 20.47 6.48 11.42
CA GLN B 40 21.50 6.85 10.45
C GLN B 40 22.88 6.78 11.11
N LYS B 41 23.65 5.81 10.72
CA LYS B 41 25.02 5.75 11.18
C LYS B 41 25.92 6.46 10.19
N PRO B 42 27.07 6.98 10.62
CA PRO B 42 27.99 7.59 9.65
C PRO B 42 28.45 6.56 8.63
N GLY B 43 28.53 6.99 7.37
CA GLY B 43 28.92 6.12 6.29
C GLY B 43 27.99 4.96 6.05
N GLN B 44 26.89 4.90 6.77
CA GLN B 44 25.90 3.84 6.65
C GLN B 44 24.53 4.45 6.48
N ALA B 45 23.96 4.29 5.30
CA ALA B 45 22.67 4.88 5.04
C ALA B 45 21.65 4.36 6.04
N PRO B 46 20.61 5.12 6.33
CA PRO B 46 19.70 4.74 7.41
C PRO B 46 19.01 3.41 7.19
N ARG B 47 18.22 3.00 8.19
CA ARG B 47 17.71 1.64 8.25
C ARG B 47 16.41 1.63 9.02
N LEU B 48 15.51 0.75 8.57
CA LEU B 48 14.27 0.50 9.31
C LEU B 48 14.57 0.03 10.72
N LEU B 49 13.69 0.38 11.64
CA LEU B 49 13.81 -0.16 12.99
C LEU B 49 12.56 -0.95 13.34
N ILE B 50 11.48 -0.25 13.68
CA ILE B 50 10.19 -0.86 13.97
C ILE B 50 9.12 0.00 13.32
N TYR B 51 8.32 -0.58 12.46
CA TYR B 51 7.31 0.18 11.74
C TYR B 51 6.02 0.23 12.55
N ALA B 52 5.39 1.39 12.53
CA ALA B 52 4.24 1.70 13.38
C ALA B 52 4.60 1.53 14.86
N ALA B 53 5.90 1.53 15.17
CA ALA B 53 6.45 1.42 16.52
C ALA B 53 6.08 0.10 17.16
N SER B 54 5.15 -0.63 16.56
CA SER B 54 4.45 -1.71 17.21
C SER B 54 4.95 -3.10 16.85
N ASN B 55 5.92 -3.24 15.95
CA ASN B 55 6.00 -4.46 15.16
C ASN B 55 7.46 -4.82 14.93
N GLN B 56 7.71 -5.67 13.93
CA GLN B 56 9.02 -6.19 13.55
C GLN B 56 9.73 -6.97 14.69
N GLY B 57 11.06 -7.17 14.65
CA GLY B 57 11.82 -7.24 13.41
C GLY B 57 13.01 -8.16 13.24
N SER B 58 13.33 -8.39 11.96
CA SER B 58 14.40 -9.29 11.55
C SER B 58 15.66 -8.50 11.32
N GLY B 59 16.78 -8.99 11.83
CA GLY B 59 17.96 -8.18 12.01
C GLY B 59 17.84 -7.17 13.13
N ILE B 60 16.65 -7.06 13.72
CA ILE B 60 16.32 -6.07 14.74
C ILE B 60 16.46 -6.72 16.11
N PRO B 61 17.49 -6.39 16.88
CA PRO B 61 17.59 -6.93 18.24
C PRO B 61 16.37 -6.58 19.07
N SER B 62 15.83 -7.57 19.76
CA SER B 62 14.67 -7.34 20.61
C SER B 62 14.96 -6.34 21.71
N ARG B 63 16.24 -6.04 22.00
CA ARG B 63 16.53 -4.96 22.91
C ARG B 63 15.91 -3.66 22.40
N PHE B 64 15.78 -3.53 21.09
CA PHE B 64 15.00 -2.45 20.51
C PHE B 64 13.53 -2.67 20.80
N SER B 65 12.85 -1.61 21.22
CA SER B 65 11.46 -1.72 21.61
C SER B 65 10.87 -0.32 21.71
N GLY B 66 9.64 -0.25 22.14
CA GLY B 66 8.94 1.01 22.25
C GLY B 66 7.47 0.80 21.97
N SER B 67 6.76 1.92 21.87
CA SER B 67 5.38 1.94 21.42
C SER B 67 5.07 3.39 21.07
N GLY B 68 3.80 3.68 20.82
CA GLY B 68 3.43 5.06 20.53
C GLY B 68 2.00 5.32 20.91
N SER B 69 1.71 6.57 21.22
CA SER B 69 0.34 7.01 21.44
C SER B 69 0.31 8.52 21.32
N GLY B 70 -0.88 9.06 21.12
CA GLY B 70 -1.06 10.49 21.12
C GLY B 70 -0.14 11.20 20.14
N THR B 71 0.40 12.32 20.61
CA THR B 71 1.31 13.15 19.84
C THR B 71 2.77 12.84 20.12
N ASP B 72 3.04 11.84 20.96
CA ASP B 72 4.42 11.45 21.24
C ASP B 72 4.53 9.93 21.23
N PHE B 73 5.34 9.41 20.31
CA PHE B 73 5.65 8.00 20.26
C PHE B 73 6.78 7.70 21.25
N SER B 74 6.66 6.56 21.92
CA SER B 74 7.57 6.23 23.01
C SER B 74 8.69 5.34 22.48
N LEU B 75 9.91 5.88 22.49
CA LEU B 75 11.08 5.12 22.12
C LEU B 75 11.52 4.25 23.29
N THR B 76 12.07 3.08 22.98
CA THR B 76 12.62 2.24 24.04
C THR B 76 13.85 1.49 23.56
N ILE B 77 14.89 1.47 24.39
CA ILE B 77 16.08 0.66 24.20
C ILE B 77 16.47 0.14 25.57
N SER B 78 17.29 -0.91 25.60
CA SER B 78 17.81 -1.45 26.84
C SER B 78 19.25 -1.89 26.63
N SER B 79 20.14 -1.48 27.53
CA SER B 79 21.54 -1.88 27.52
C SER B 79 22.17 -1.64 26.14
N LEU B 80 22.37 -0.35 25.87
CA LEU B 80 22.94 0.13 24.63
C LEU B 80 24.39 -0.33 24.49
N GLU B 81 24.89 -0.27 23.27
CA GLU B 81 26.31 -0.51 23.09
C GLU B 81 26.98 0.77 22.58
N PRO B 82 28.19 1.08 23.06
CA PRO B 82 28.75 2.41 22.81
C PRO B 82 29.00 2.69 21.34
N GLU B 83 28.98 1.67 20.49
CA GLU B 83 29.06 1.81 19.06
C GLU B 83 27.71 1.87 18.36
N ASP B 84 26.62 1.63 19.09
CA ASP B 84 25.30 1.50 18.48
C ASP B 84 24.49 2.78 18.51
N PHE B 85 25.04 3.88 19.02
CA PHE B 85 24.25 5.10 19.01
C PHE B 85 24.25 5.71 17.62
N ALA B 86 23.09 6.20 17.20
CA ALA B 86 22.98 7.05 16.04
C ALA B 86 21.66 7.80 16.14
N VAL B 87 21.55 8.89 15.38
CA VAL B 87 20.32 9.67 15.40
C VAL B 87 19.15 8.80 15.00
N TYR B 88 18.07 8.90 15.76
CA TYR B 88 16.86 8.15 15.47
C TYR B 88 15.80 9.06 14.87
N PHE B 89 15.16 8.56 13.81
CA PHE B 89 14.18 9.32 13.07
C PHE B 89 12.83 8.62 13.11
N CYS B 90 11.79 9.39 13.39
CA CYS B 90 10.43 8.91 13.36
C CYS B 90 9.72 9.59 12.19
N GLN B 91 9.13 8.78 11.31
CA GLN B 91 8.32 9.30 10.22
C GLN B 91 6.93 9.68 10.68
N GLN B 92 6.29 10.55 9.89
CA GLN B 92 4.85 10.50 9.78
C GLN B 92 4.47 9.50 8.70
N SER B 93 3.20 9.50 8.33
CA SER B 93 2.66 8.69 7.25
C SER B 93 1.17 9.01 7.22
N LYS B 94 0.49 8.45 6.22
CA LYS B 94 -0.96 8.45 6.12
C LYS B 94 -1.53 9.84 5.91
N GLU B 95 -0.73 10.87 6.15
CA GLU B 95 -1.15 12.25 5.99
C GLU B 95 0.02 13.03 5.45
N VAL B 96 -0.20 13.81 4.39
CA VAL B 96 0.73 14.90 4.05
C VAL B 96 2.01 14.24 3.56
N PRO B 97 2.95 14.96 2.94
CA PRO B 97 4.31 14.42 2.84
C PRO B 97 4.82 13.93 4.20
N ARG B 98 5.60 12.85 4.15
CA ARG B 98 5.80 12.00 5.32
C ARG B 98 6.84 12.57 6.28
N ILE B 99 7.82 13.28 5.75
CA ILE B 99 8.93 13.94 6.43
C ILE B 99 9.62 13.03 7.44
N PHE B 100 10.19 13.62 8.49
CA PHE B 100 11.13 12.93 9.36
C PHE B 100 11.40 13.81 10.57
N GLY B 101 12.23 13.29 11.47
CA GLY B 101 12.57 14.04 12.68
C GLY B 101 13.69 15.03 12.45
N GLN B 102 13.62 16.15 13.16
CA GLN B 102 14.70 17.13 13.16
C GLN B 102 16.02 16.53 13.61
N GLY B 103 15.97 15.43 14.34
CA GLY B 103 17.16 14.67 14.69
C GLY B 103 17.66 14.91 16.09
N THR B 104 18.17 13.84 16.70
CA THR B 104 18.80 13.89 18.00
C THR B 104 19.77 12.72 18.08
N LYS B 105 20.94 12.95 18.68
CA LYS B 105 22.01 11.97 18.70
C LYS B 105 22.28 11.53 20.13
N VAL B 106 22.06 10.24 20.40
CA VAL B 106 22.56 9.65 21.64
C VAL B 106 24.07 9.76 21.66
N GLU B 107 24.61 10.26 22.78
CA GLU B 107 26.04 10.50 22.90
C GLU B 107 26.52 10.07 24.26
N ILE B 108 27.73 9.53 24.31
CA ILE B 108 28.29 8.92 25.51
C ILE B 108 29.57 9.65 25.88
N LEU B 109 29.78 9.86 27.18
CA LEU B 109 31.04 10.42 27.66
C LEU B 109 32.03 9.29 27.91
N LYS B 110 33.15 9.60 28.57
CA LYS B 110 34.12 8.57 28.95
C LYS B 110 34.70 7.85 27.75
N VAL C 1 17.37 -4.98 -1.20
CA VAL C 1 18.59 -5.65 -0.78
C VAL C 1 19.75 -5.17 -1.64
N LYS C 2 19.47 -4.88 -2.91
CA LYS C 2 20.52 -4.59 -3.88
C LYS C 2 20.09 -3.40 -4.71
N LEU C 3 20.90 -2.34 -4.71
CA LEU C 3 20.55 -1.12 -5.43
C LEU C 3 21.81 -0.47 -5.96
N VAL C 4 21.62 0.40 -6.96
CA VAL C 4 22.72 1.11 -7.61
C VAL C 4 22.26 2.55 -7.81
N GLU C 5 23.24 3.45 -7.94
CA GLU C 5 22.96 4.86 -8.12
C GLU C 5 23.79 5.43 -9.25
N SER C 6 23.56 6.71 -9.54
CA SER C 6 24.57 7.55 -10.16
C SER C 6 25.50 8.12 -9.09
N GLY C 7 26.71 8.47 -9.50
CA GLY C 7 27.58 9.23 -8.63
C GLY C 7 27.17 10.70 -8.60
N GLY C 8 27.97 11.49 -7.87
CA GLY C 8 27.68 12.92 -7.75
C GLY C 8 27.74 13.63 -9.09
N GLY C 9 27.23 14.85 -9.11
CA GLY C 9 27.17 15.60 -10.35
C GLY C 9 27.23 17.08 -10.12
N LEU C 10 27.66 17.79 -11.16
CA LEU C 10 27.83 19.24 -11.13
C LEU C 10 27.01 19.85 -12.26
N VAL C 11 26.10 20.77 -11.92
CA VAL C 11 25.34 21.50 -12.91
C VAL C 11 25.27 22.96 -12.47
N LYS C 12 25.30 23.86 -13.44
CA LYS C 12 25.04 25.26 -13.16
C LYS C 12 23.61 25.41 -12.64
N PRO C 13 23.38 26.27 -11.66
CA PRO C 13 22.01 26.53 -11.22
C PRO C 13 21.15 27.05 -12.36
N GLY C 14 19.86 26.75 -12.27
CA GLY C 14 18.91 27.17 -13.28
C GLY C 14 18.59 26.13 -14.33
N GLY C 15 19.44 25.14 -14.54
CA GLY C 15 19.25 24.12 -15.54
C GLY C 15 18.49 22.92 -15.02
N SER C 16 18.75 21.77 -15.63
CA SER C 16 18.14 20.51 -15.21
C SER C 16 19.18 19.40 -15.27
N LEU C 17 18.90 18.30 -14.61
CA LEU C 17 19.72 17.11 -14.74
C LEU C 17 18.89 15.87 -14.46
N ARG C 18 19.21 14.80 -15.17
CA ARG C 18 18.52 13.52 -14.98
C ARG C 18 19.37 12.61 -14.11
N LEU C 19 18.73 11.95 -13.17
CA LEU C 19 19.41 11.16 -12.17
C LEU C 19 18.88 9.74 -12.18
N SER C 20 19.74 8.78 -11.86
CA SER C 20 19.42 7.38 -12.07
C SER C 20 19.54 6.61 -10.77
N CYS C 21 18.81 5.50 -10.71
CA CYS C 21 18.95 4.47 -9.70
C CYS C 21 18.72 3.14 -10.40
N ALA C 22 19.61 2.19 -10.18
CA ALA C 22 19.51 0.88 -10.80
C ALA C 22 19.29 -0.17 -9.72
N ALA C 23 18.26 -0.98 -9.89
CA ALA C 23 17.86 -1.94 -8.88
C ALA C 23 18.09 -3.36 -9.35
N SER C 24 18.32 -4.25 -8.40
CA SER C 24 18.48 -5.67 -8.67
C SER C 24 18.17 -6.42 -7.38
N GLY C 25 17.98 -7.72 -7.49
CA GLY C 25 17.81 -8.56 -6.33
C GLY C 25 16.39 -8.79 -5.89
N PHE C 26 15.42 -8.27 -6.64
CA PHE C 26 14.01 -8.54 -6.36
C PHE C 26 13.23 -8.31 -7.66
N THR C 27 11.91 -8.32 -7.56
CA THR C 27 11.07 -7.99 -8.70
C THR C 27 10.76 -6.51 -8.63
N PHE C 28 11.34 -5.75 -9.54
CA PHE C 28 11.26 -4.30 -9.47
C PHE C 28 9.89 -3.78 -9.89
N THR C 29 9.01 -4.66 -10.36
CA THR C 29 7.65 -4.23 -10.63
C THR C 29 6.84 -4.11 -9.35
N ASN C 30 7.14 -4.96 -8.36
CA ASN C 30 6.26 -5.21 -7.24
C ASN C 30 6.53 -4.33 -6.03
N TYR C 31 7.43 -3.36 -6.13
CA TYR C 31 7.73 -2.50 -4.99
C TYR C 31 7.72 -1.06 -5.45
N GLY C 32 6.80 -0.26 -4.93
CA GLY C 32 6.87 1.17 -5.16
C GLY C 32 8.21 1.72 -4.68
N MET C 33 8.63 2.81 -5.30
CA MET C 33 9.95 3.36 -5.02
C MET C 33 9.84 4.85 -4.71
N SER C 34 10.83 5.36 -4.01
CA SER C 34 10.77 6.73 -3.58
C SER C 34 12.18 7.29 -3.49
N TRP C 35 12.32 8.55 -3.89
CA TRP C 35 13.54 9.29 -3.69
C TRP C 35 13.46 10.09 -2.41
N VAL C 36 14.59 10.23 -1.73
CA VAL C 36 14.68 11.02 -0.51
C VAL C 36 16.01 11.75 -0.51
N ARG C 37 16.00 13.00 -0.02
CA ARG C 37 17.22 13.79 0.06
C ARG C 37 17.57 14.10 1.50
N GLN C 38 18.86 14.35 1.72
CA GLN C 38 19.35 14.88 2.98
C GLN C 38 20.06 16.20 2.70
N ALA C 39 19.48 17.29 3.15
CA ALA C 39 20.19 18.56 3.09
C ALA C 39 21.12 18.67 4.28
N PRO C 40 22.43 18.87 4.06
CA PRO C 40 23.35 18.99 5.19
C PRO C 40 22.89 20.06 6.16
N GLY C 41 22.97 19.73 7.45
CA GLY C 41 22.44 20.63 8.46
C GLY C 41 20.94 20.72 8.46
N LYS C 42 20.25 19.83 7.75
CA LYS C 42 18.80 19.84 7.70
C LYS C 42 18.29 18.41 7.77
N ARG C 43 17.12 18.23 8.37
CA ARG C 43 16.54 16.91 8.48
C ARG C 43 16.15 16.39 7.10
N LEU C 44 16.00 15.08 7.00
CA LEU C 44 15.74 14.44 5.72
C LEU C 44 14.49 15.00 5.08
N GLU C 45 14.64 15.52 3.87
CA GLU C 45 13.51 15.87 3.04
C GLU C 45 13.15 14.65 2.19
N TRP C 46 11.89 14.30 2.21
CA TRP C 46 11.41 13.16 1.44
C TRP C 46 11.04 13.64 0.04
N VAL C 47 11.71 13.10 -0.98
CA VAL C 47 11.68 13.73 -2.30
C VAL C 47 10.38 13.41 -3.04
N ALA C 48 10.15 12.14 -3.36
CA ALA C 48 8.94 11.81 -4.12
C ALA C 48 8.59 10.34 -3.99
N GLU C 49 7.35 10.01 -4.36
CA GLU C 49 6.85 8.63 -4.35
C GLU C 49 6.36 8.24 -5.73
N ILE C 50 6.51 6.96 -6.05
CA ILE C 50 5.96 6.36 -7.26
C ILE C 50 5.21 5.09 -6.88
N SER C 51 4.26 4.67 -7.71
CA SER C 51 3.54 3.44 -7.45
C SER C 51 4.42 2.25 -7.79
N SER C 52 3.81 1.07 -7.84
CA SER C 52 4.52 -0.16 -8.20
C SER C 52 4.37 -0.51 -9.67
N GLY C 53 3.15 -0.81 -10.11
CA GLY C 53 2.92 -1.20 -11.49
C GLY C 53 2.93 -0.05 -12.48
N GLY C 54 2.20 1.02 -12.15
CA GLY C 54 2.11 2.16 -13.03
C GLY C 54 1.89 3.40 -12.20
N SER C 55 2.31 4.53 -12.75
CA SER C 55 2.76 5.63 -11.93
C SER C 55 1.63 6.27 -11.13
N TYR C 56 1.78 6.24 -9.82
CA TYR C 56 1.05 7.09 -8.88
C TYR C 56 1.69 8.47 -8.81
N THR C 57 3.02 8.52 -8.66
CA THR C 57 3.86 9.71 -8.71
C THR C 57 3.27 10.94 -8.05
N TYR C 58 3.17 10.93 -6.73
CA TYR C 58 2.83 12.12 -5.98
C TYR C 58 4.01 12.64 -5.19
N TYR C 59 4.09 13.95 -5.07
CA TYR C 59 5.26 14.61 -4.55
C TYR C 59 4.89 15.33 -3.26
N PRO C 60 5.85 15.95 -2.58
CA PRO C 60 5.54 17.09 -1.73
C PRO C 60 5.32 18.31 -2.59
N ASP C 61 4.64 19.29 -2.01
CA ASP C 61 4.46 20.54 -2.72
C ASP C 61 5.69 21.39 -2.57
N THR C 62 5.87 21.98 -1.38
CA THR C 62 6.89 22.99 -1.15
C THR C 62 6.79 23.97 -2.31
N VAL C 63 7.87 24.07 -3.04
CA VAL C 63 7.85 24.34 -4.47
C VAL C 63 8.55 23.16 -5.12
N THR C 64 7.98 22.66 -6.20
CA THR C 64 8.63 21.64 -6.98
C THR C 64 9.54 22.30 -8.01
N GLY C 65 10.78 21.81 -8.08
CA GLY C 65 11.65 22.12 -9.20
C GLY C 65 11.22 21.26 -10.37
N ARG C 66 10.02 20.69 -10.24
CA ARG C 66 9.41 19.85 -11.24
C ARG C 66 10.30 18.67 -11.56
N PHE C 67 10.95 18.15 -10.53
CA PHE C 67 11.61 16.86 -10.65
C PHE C 67 10.58 15.83 -11.10
N THR C 68 10.86 15.14 -12.20
CA THR C 68 9.94 14.16 -12.73
C THR C 68 10.58 12.79 -12.64
N ILE C 69 9.77 11.80 -12.28
CA ILE C 69 10.27 10.46 -11.97
C ILE C 69 9.50 9.44 -12.78
N SER C 70 10.21 8.39 -13.19
CA SER C 70 9.56 7.26 -13.81
C SER C 70 10.42 6.04 -13.60
N ARG C 71 9.79 4.88 -13.65
CA ARG C 71 10.50 3.62 -13.63
C ARG C 71 10.60 3.07 -15.04
N ASP C 72 11.69 2.40 -15.32
CA ASP C 72 11.74 1.47 -16.44
C ASP C 72 11.91 0.09 -15.84
N ASN C 73 10.83 -0.69 -15.89
CA ASN C 73 10.76 -1.92 -15.13
C ASN C 73 11.61 -3.02 -15.74
N ALA C 74 11.48 -3.23 -17.05
CA ALA C 74 12.27 -4.25 -17.73
C ALA C 74 13.75 -4.02 -17.53
N LYS C 75 14.14 -2.79 -17.24
CA LYS C 75 15.51 -2.47 -16.88
C LYS C 75 15.73 -2.40 -15.38
N ASN C 76 14.69 -2.66 -14.59
CA ASN C 76 14.77 -2.64 -13.14
C ASN C 76 15.36 -1.32 -12.66
N THR C 77 14.82 -0.22 -13.17
CA THR C 77 15.53 1.04 -13.14
C THR C 77 14.57 2.16 -12.76
N LEU C 78 15.13 3.18 -12.12
CA LEU C 78 14.40 4.36 -11.71
C LEU C 78 15.12 5.61 -12.22
N TYR C 79 14.37 6.67 -12.49
CA TYR C 79 14.91 7.86 -13.13
C TYR C 79 14.40 9.10 -12.43
N LEU C 80 15.26 10.10 -12.30
CA LEU C 80 14.89 11.38 -11.71
C LEU C 80 15.47 12.52 -12.54
N GLN C 81 14.60 13.30 -13.18
CA GLN C 81 15.00 14.65 -13.55
C GLN C 81 14.91 15.53 -12.33
N MET C 82 15.74 16.57 -12.30
CA MET C 82 15.39 17.78 -11.58
C MET C 82 15.61 18.97 -12.49
N ASN C 83 14.53 19.62 -12.84
CA ASN C 83 14.58 20.92 -13.50
C ASN C 83 14.76 21.98 -12.42
N SER C 84 14.91 23.22 -12.85
CA SER C 84 14.96 24.36 -11.93
C SER C 84 16.00 24.13 -10.83
N LEU C 85 17.23 23.84 -11.26
CA LEU C 85 18.28 23.57 -10.29
C LEU C 85 18.72 24.85 -9.60
N ARG C 86 18.72 24.83 -8.27
CA ARG C 86 18.97 26.03 -7.48
C ARG C 86 19.87 25.67 -6.30
N ALA C 87 20.35 26.71 -5.62
CA ALA C 87 21.43 26.54 -4.65
C ALA C 87 21.05 25.53 -3.56
N GLU C 88 19.94 25.77 -2.87
CA GLU C 88 19.56 24.91 -1.75
C GLU C 88 19.38 23.47 -2.16
N ASP C 89 19.11 23.22 -3.45
CA ASP C 89 18.86 21.87 -3.93
C ASP C 89 20.06 20.95 -3.72
N THR C 90 21.23 21.52 -3.44
CA THR C 90 22.38 20.75 -3.02
C THR C 90 22.04 19.91 -1.80
N ALA C 91 22.34 18.60 -1.88
CA ALA C 91 21.91 17.64 -0.89
C ALA C 91 22.39 16.24 -1.26
N VAL C 92 22.07 15.25 -0.43
CA VAL C 92 22.33 13.86 -0.75
C VAL C 92 21.00 13.20 -1.07
N TYR C 93 20.78 12.88 -2.34
CA TYR C 93 19.58 12.14 -2.68
C TYR C 93 19.73 10.67 -2.31
N TYR C 94 18.58 10.01 -2.20
CA TYR C 94 18.51 8.59 -1.94
C TYR C 94 17.35 8.00 -2.72
N CYS C 95 17.57 6.82 -3.28
CA CYS C 95 16.48 6.00 -3.78
C CYS C 95 16.26 4.86 -2.81
N ALA C 96 15.02 4.71 -2.35
CA ALA C 96 14.67 3.74 -1.32
C ALA C 96 13.48 2.91 -1.75
N ARG C 97 13.43 1.68 -1.26
CA ARG C 97 12.39 0.72 -1.63
C ARG C 97 11.38 0.58 -0.51
N PHE C 98 10.11 0.69 -0.85
CA PHE C 98 9.07 0.37 0.12
C PHE C 98 9.00 -1.15 0.29
N ARG C 99 7.99 -1.58 1.03
CA ARG C 99 7.68 -2.98 1.19
C ARG C 99 6.19 -3.13 0.95
N TYR C 100 5.75 -4.37 0.82
CA TYR C 100 4.32 -4.64 0.85
C TYR C 100 3.70 -3.99 2.06
N GLY C 101 2.49 -3.49 1.88
CA GLY C 101 1.86 -2.51 2.73
C GLY C 101 1.89 -2.74 4.22
N GLY C 102 1.88 -1.65 4.95
CA GLY C 102 2.05 -1.66 6.37
C GLY C 102 1.92 -0.25 6.89
N GLY C 103 2.51 0.02 8.04
CA GLY C 103 2.47 1.35 8.59
C GLY C 103 3.47 2.20 7.83
N GLY C 104 3.77 1.74 6.62
CA GLY C 104 4.98 2.03 5.91
C GLY C 104 4.90 1.11 4.71
N THR C 105 6.05 0.68 4.23
CA THR C 105 7.28 0.89 4.98
C THR C 105 8.32 1.42 4.04
N VAL C 106 9.50 1.74 4.55
CA VAL C 106 10.66 2.04 3.75
C VAL C 106 11.76 1.14 4.26
N ASP C 107 12.16 0.16 3.46
CA ASP C 107 13.10 -0.78 4.05
C ASP C 107 14.51 -0.49 3.57
N TYR C 108 14.83 -0.91 2.36
CA TYR C 108 16.22 -0.88 1.96
C TYR C 108 16.55 0.43 1.31
N TRP C 109 17.81 0.58 0.92
CA TRP C 109 18.32 1.91 0.61
C TRP C 109 19.39 1.85 -0.46
N GLY C 110 19.35 2.83 -1.34
CA GLY C 110 20.54 3.25 -2.03
C GLY C 110 21.39 4.06 -1.05
N GLN C 111 22.70 3.87 -1.15
CA GLN C 111 23.61 4.46 -0.17
C GLN C 111 23.54 5.98 -0.16
N GLY C 112 23.11 6.60 -1.26
CA GLY C 112 22.99 8.04 -1.32
C GLY C 112 24.04 8.67 -2.21
N THR C 113 23.72 9.86 -2.72
CA THR C 113 24.56 10.51 -3.71
C THR C 113 24.51 12.01 -3.52
N LEU C 114 25.66 12.65 -3.67
CA LEU C 114 25.79 14.09 -3.50
C LEU C 114 25.06 14.84 -4.60
N VAL C 115 24.80 16.12 -4.32
CA VAL C 115 24.30 17.07 -5.30
C VAL C 115 25.19 18.30 -5.25
N THR C 116 25.71 18.70 -6.41
CA THR C 116 26.43 19.97 -6.52
C THR C 116 25.70 20.85 -7.51
N VAL C 117 25.08 21.90 -7.00
CA VAL C 117 24.47 22.94 -7.81
C VAL C 117 25.38 24.14 -7.67
N SER C 118 26.14 24.46 -8.71
CA SER C 118 27.19 25.46 -8.54
C SER C 118 27.58 26.04 -9.89
N SER C 119 28.23 27.18 -9.82
CA SER C 119 28.86 27.81 -10.97
C SER C 119 30.11 27.03 -11.36
#